data_8VNX
#
_entry.id   8VNX
#
_cell.length_a   52.220
_cell.length_b   71.210
_cell.length_c   107.740
_cell.angle_alpha   90.000
_cell.angle_beta   90.000
_cell.angle_gamma   90.000
#
_symmetry.space_group_name_H-M   'P 21 21 21'
#
loop_
_entity.id
_entity.type
_entity.pdbx_description
1 polymer 'Mitogen-activated protein kinase 10'
2 non-polymer (4P)-4-[5-(2-chloro-6-fluoroanilino)-6-(methoxymethyl)-1H-indazol-1-yl]-N-methylthiophene-2-carboxamide
3 water water
#
_entity_poly.entity_id   1
_entity_poly.type   'polypeptide(L)'
_entity_poly.pdbx_seq_one_letter_code
;MSLHFLYYCSEPTLDVKIAFCQGFDKQVDVSYIAKHYNMSKSKVDNQFYSVEVGDSTFTVLKRYQNLKPIGSGAQGIVCA
AYDAVLDRNVAIKKLSRPFQNQTHAKRAYRELVLMKCVNHKNIISLLNVFTPQKTLEEFQDVYLVMELMDANLCQVIQME
LDHERMSYLLYQMLCGIKHLHSAGIIHRDLKPSNIVVKSDCTLKILDFGLARTAGTSFMMTPYVVTRYYRAPEVILGMGY
KENVDIWSVGCIMGEMVRHKILFPGRDYIDQWNKVIEQLGTPCPEFMKKLQPTVRNYVENRPKYAGLTFPKLFPDSLFPA
DSEHNKLKASQARDLLSKMLVIDPAKRISVDDALQHPYINVWYDPAEVEAPPPQIYDKQLDEREHTIEEWKELIYKEVMN
SEEKTKNGVVKGQPSPSGAAVNSSESLPPSSSVNDISSMSTDQTLASDTDSSLEASAGPLGCCR
;
_entity_poly.pdbx_strand_id   A
#
# COMPACT_ATOMS: atom_id res chain seq x y z
N ASP A 45 11.01 -36.76 -12.02
CA ASP A 45 10.12 -37.38 -11.05
C ASP A 45 9.60 -36.33 -10.06
N ASN A 46 10.52 -35.70 -9.35
CA ASN A 46 10.15 -34.68 -8.38
C ASN A 46 9.55 -33.46 -9.09
N GLN A 47 8.59 -32.84 -8.42
CA GLN A 47 7.88 -31.71 -9.02
C GLN A 47 8.65 -30.39 -8.95
N PHE A 48 9.67 -30.31 -8.09
CA PHE A 48 10.34 -29.05 -7.82
C PHE A 48 11.80 -29.10 -8.26
N TYR A 49 12.40 -27.91 -8.32
CA TYR A 49 13.83 -27.77 -8.56
C TYR A 49 14.29 -26.48 -7.89
N SER A 50 15.59 -26.36 -7.67
CA SER A 50 16.16 -25.27 -6.89
C SER A 50 17.21 -24.51 -7.69
N VAL A 51 17.21 -23.19 -7.54
CA VAL A 51 18.20 -22.32 -8.13
C VAL A 51 18.53 -21.21 -7.15
N GLU A 52 19.71 -20.63 -7.31
CA GLU A 52 20.19 -19.55 -6.44
C GLU A 52 19.99 -18.22 -7.16
N VAL A 53 19.06 -17.42 -6.67
CA VAL A 53 18.83 -16.06 -7.16
C VAL A 53 19.37 -15.10 -6.12
N GLY A 54 20.11 -14.10 -6.57
CA GLY A 54 20.83 -13.24 -5.65
C GLY A 54 21.67 -14.08 -4.71
N ASP A 55 21.24 -14.17 -3.44
CA ASP A 55 21.88 -15.06 -2.48
C ASP A 55 20.86 -15.95 -1.78
N SER A 56 19.60 -15.92 -2.19
CA SER A 56 18.56 -16.78 -1.65
C SER A 56 18.36 -17.99 -2.56
N THR A 57 17.92 -19.10 -1.97
CA THR A 57 17.62 -20.32 -2.72
C THR A 57 16.11 -20.38 -2.98
N PHE A 58 15.75 -20.52 -4.24
CA PHE A 58 14.36 -20.65 -4.67
C PHE A 58 14.10 -22.09 -5.10
N THR A 59 13.20 -22.77 -4.40
CA THR A 59 12.77 -24.12 -4.74
C THR A 59 11.32 -24.02 -5.22
N VAL A 60 11.12 -24.10 -6.54
CA VAL A 60 9.84 -23.83 -7.15
C VAL A 60 9.42 -24.98 -8.05
N LEU A 61 8.13 -25.02 -8.36
CA LEU A 61 7.60 -26.00 -9.30
C LEU A 61 8.28 -25.86 -10.65
N LYS A 62 8.40 -26.99 -11.36
CA LYS A 62 9.14 -26.99 -12.61
C LYS A 62 8.46 -26.18 -13.70
N ARG A 63 7.17 -25.86 -13.55
CA ARG A 63 6.49 -25.02 -14.53
C ARG A 63 7.10 -23.63 -14.60
N TYR A 64 7.76 -23.16 -13.55
CA TYR A 64 8.33 -21.82 -13.53
C TYR A 64 9.80 -21.91 -13.94
N GLN A 65 10.14 -21.19 -15.01
CA GLN A 65 11.48 -21.24 -15.59
C GLN A 65 12.05 -19.83 -15.72
N ASN A 66 13.38 -19.78 -15.81
CA ASN A 66 14.10 -18.54 -16.11
C ASN A 66 13.88 -17.51 -15.00
N LEU A 67 14.27 -17.88 -13.79
CA LEU A 67 14.07 -17.00 -12.63
C LEU A 67 15.11 -15.89 -12.61
N LYS A 68 14.64 -14.64 -12.55
CA LYS A 68 15.49 -13.46 -12.41
C LYS A 68 14.99 -12.59 -11.27
N PRO A 69 15.88 -11.99 -10.48
CA PRO A 69 15.43 -11.17 -9.35
C PRO A 69 14.84 -9.85 -9.84
N ILE A 70 13.95 -9.29 -9.02
CA ILE A 70 13.34 -8.00 -9.33
C ILE A 70 13.16 -7.15 -8.08
N GLY A 71 13.25 -7.76 -6.90
CA GLY A 71 13.05 -7.01 -5.68
C GLY A 71 13.33 -7.77 -4.39
N SER A 72 13.69 -7.04 -3.33
CA SER A 72 13.93 -7.60 -2.01
C SER A 72 13.31 -6.67 -0.97
N GLY A 73 13.31 -7.11 0.27
CA GLY A 73 12.88 -6.24 1.34
C GLY A 73 12.18 -7.01 2.45
N ALA A 74 11.28 -6.31 3.12
CA ALA A 74 10.62 -6.75 4.35
C ALA A 74 10.52 -8.26 4.48
N GLN A 75 9.45 -8.85 3.99
CA GLN A 75 9.16 -10.26 4.23
C GLN A 75 9.04 -11.00 2.91
N GLY A 76 10.12 -11.04 2.14
CA GLY A 76 10.12 -11.80 0.90
C GLY A 76 11.08 -11.32 -0.17
N ILE A 77 11.90 -12.25 -0.67
CA ILE A 77 12.64 -12.05 -1.92
C ILE A 77 11.73 -12.45 -3.06
N VAL A 78 11.88 -11.78 -4.21
CA VAL A 78 10.94 -11.93 -5.31
C VAL A 78 11.70 -12.17 -6.61
N CYS A 79 11.12 -13.01 -7.48
CA CYS A 79 11.69 -13.31 -8.79
C CYS A 79 10.63 -13.19 -9.87
N ALA A 80 11.07 -12.77 -11.06
CA ALA A 80 10.26 -12.93 -12.26
C ALA A 80 10.54 -14.30 -12.86
N ALA A 81 9.54 -14.85 -13.55
CA ALA A 81 9.69 -16.16 -14.16
C ALA A 81 8.65 -16.34 -15.25
N TYR A 82 8.92 -17.31 -16.12
CA TYR A 82 7.96 -17.74 -17.14
C TYR A 82 7.23 -18.97 -16.64
N ASP A 83 5.90 -18.92 -16.71
CA ASP A 83 5.04 -20.03 -16.31
C ASP A 83 4.70 -20.82 -17.57
N ALA A 84 5.39 -21.95 -17.76
CA ALA A 84 5.20 -22.75 -18.97
C ALA A 84 3.81 -23.36 -19.06
N VAL A 85 3.07 -23.42 -17.96
CA VAL A 85 1.73 -24.00 -18.00
C VAL A 85 0.70 -22.96 -18.41
N LEU A 86 0.83 -21.72 -17.92
CA LEU A 86 -0.06 -20.64 -18.31
C LEU A 86 0.47 -19.84 -19.48
N ASP A 87 1.72 -20.07 -19.88
CA ASP A 87 2.33 -19.34 -21.00
C ASP A 87 2.28 -17.84 -20.77
N ARG A 88 2.80 -17.42 -19.61
CA ARG A 88 2.82 -16.01 -19.23
C ARG A 88 3.88 -15.81 -18.17
N ASN A 89 4.32 -14.56 -18.01
CA ASN A 89 5.32 -14.22 -17.00
C ASN A 89 4.64 -13.94 -15.67
N VAL A 90 5.31 -14.34 -14.58
CA VAL A 90 4.76 -14.24 -13.24
C VAL A 90 5.83 -13.70 -12.31
N ALA A 91 5.38 -13.23 -11.15
CA ALA A 91 6.25 -12.88 -10.04
C ALA A 91 6.08 -13.91 -8.93
N ILE A 92 7.19 -14.33 -8.34
CA ILE A 92 7.20 -15.36 -7.30
C ILE A 92 7.86 -14.77 -6.06
N LYS A 93 7.15 -14.80 -4.94
CA LYS A 93 7.62 -14.29 -3.67
C LYS A 93 7.81 -15.46 -2.70
N LYS A 94 8.99 -15.52 -2.09
CA LYS A 94 9.33 -16.56 -1.12
C LYS A 94 9.15 -16.01 0.29
N LEU A 95 8.29 -16.66 1.07
CA LEU A 95 8.18 -16.40 2.50
C LEU A 95 9.02 -17.44 3.24
N SER A 96 10.14 -17.00 3.81
CA SER A 96 11.07 -17.89 4.49
C SER A 96 10.65 -18.05 5.94
N ARG A 97 10.27 -19.28 6.32
CA ARG A 97 9.61 -19.60 7.58
C ARG A 97 8.83 -18.39 8.11
N PRO A 98 7.63 -18.14 7.56
CA PRO A 98 6.83 -17.01 8.05
C PRO A 98 6.41 -17.14 9.50
N PHE A 99 6.46 -18.35 10.05
CA PHE A 99 6.02 -18.62 11.42
C PHE A 99 7.10 -18.35 12.45
N GLN A 100 8.27 -17.87 12.02
CA GLN A 100 9.40 -17.74 12.94
C GLN A 100 9.14 -16.74 14.06
N ASN A 101 8.22 -15.79 13.87
CA ASN A 101 7.86 -14.89 14.95
C ASN A 101 6.49 -14.28 14.67
N GLN A 102 5.98 -13.56 15.67
CA GLN A 102 4.60 -13.09 15.63
C GLN A 102 4.36 -12.14 14.48
N THR A 103 5.27 -11.20 14.26
CA THR A 103 5.07 -10.19 13.24
C THR A 103 5.01 -10.83 11.84
N HIS A 104 5.98 -11.69 11.53
CA HIS A 104 5.95 -12.38 10.25
C HIS A 104 4.71 -13.27 10.13
N ALA A 105 4.33 -13.94 11.21
CA ALA A 105 3.28 -14.94 11.13
C ALA A 105 1.91 -14.31 10.95
N LYS A 106 1.59 -13.27 11.75
CA LYS A 106 0.29 -12.63 11.65
C LYS A 106 0.08 -12.05 10.25
N ARG A 107 1.11 -11.44 9.69
CA ARG A 107 0.99 -10.85 8.35
C ARG A 107 0.84 -11.94 7.29
N ALA A 108 1.66 -12.99 7.36
CA ALA A 108 1.56 -14.07 6.38
C ALA A 108 0.17 -14.70 6.42
N TYR A 109 -0.28 -15.11 7.60
CA TYR A 109 -1.60 -15.72 7.72
C TYR A 109 -2.69 -14.78 7.24
N ARG A 110 -2.66 -13.55 7.74
CA ARG A 110 -3.67 -12.55 7.40
C ARG A 110 -3.79 -12.36 5.89
N GLU A 111 -2.65 -12.19 5.21
CA GLU A 111 -2.69 -11.89 3.79
C GLU A 111 -3.03 -13.11 2.96
N LEU A 112 -2.71 -14.31 3.47
CA LEU A 112 -3.17 -15.53 2.81
C LEU A 112 -4.68 -15.71 2.96
N VAL A 113 -5.23 -15.30 4.12
CA VAL A 113 -6.66 -15.40 4.34
C VAL A 113 -7.41 -14.31 3.58
N LEU A 114 -6.89 -13.08 3.63
CA LEU A 114 -7.63 -11.95 3.06
C LEU A 114 -7.67 -12.00 1.55
N MET A 115 -6.69 -12.63 0.91
CA MET A 115 -6.65 -12.61 -0.54
C MET A 115 -7.77 -13.45 -1.15
N LYS A 116 -8.32 -14.39 -0.38
CA LYS A 116 -9.52 -15.11 -0.80
C LYS A 116 -10.80 -14.33 -0.56
N CYS A 117 -10.73 -13.24 0.20
CA CYS A 117 -11.92 -12.43 0.49
C CYS A 117 -12.17 -11.35 -0.57
N VAL A 118 -11.12 -10.87 -1.24
CA VAL A 118 -11.25 -9.78 -2.20
C VAL A 118 -11.16 -10.33 -3.62
N ASN A 119 -11.77 -9.60 -4.55
CA ASN A 119 -11.76 -9.98 -5.96
C ASN A 119 -11.98 -8.70 -6.77
N HIS A 120 -10.87 -8.09 -7.18
CA HIS A 120 -10.91 -6.78 -7.84
C HIS A 120 -9.62 -6.56 -8.60
N LYS A 121 -9.73 -5.94 -9.78
CA LYS A 121 -8.58 -5.87 -10.68
C LYS A 121 -7.48 -4.95 -10.16
N ASN A 122 -7.79 -4.04 -9.24
CA ASN A 122 -6.78 -3.17 -8.66
C ASN A 122 -6.22 -3.72 -7.36
N ILE A 123 -6.55 -4.96 -7.00
CA ILE A 123 -6.07 -5.60 -5.78
C ILE A 123 -5.42 -6.92 -6.15
N ILE A 124 -4.30 -7.22 -5.49
CA ILE A 124 -3.58 -8.48 -5.65
C ILE A 124 -4.56 -9.65 -5.75
N SER A 125 -4.29 -10.54 -6.70
CA SER A 125 -4.92 -11.86 -6.76
C SER A 125 -3.84 -12.87 -7.14
N LEU A 126 -3.76 -13.97 -6.40
CA LEU A 126 -2.70 -14.94 -6.61
C LEU A 126 -3.08 -15.91 -7.72
N LEU A 127 -2.07 -16.32 -8.49
CA LEU A 127 -2.23 -17.42 -9.44
C LEU A 127 -1.94 -18.76 -8.80
N ASN A 128 -1.11 -18.79 -7.77
CA ASN A 128 -0.70 -20.05 -7.16
C ASN A 128 -0.13 -19.80 -5.77
N VAL A 129 -0.21 -20.82 -4.94
CA VAL A 129 0.43 -20.87 -3.63
C VAL A 129 0.94 -22.29 -3.44
N PHE A 130 2.19 -22.42 -3.00
CA PHE A 130 2.73 -23.77 -2.82
C PHE A 130 3.89 -23.73 -1.85
N THR A 131 4.17 -24.90 -1.27
CA THR A 131 5.38 -25.15 -0.52
C THR A 131 6.03 -26.40 -1.10
N PRO A 132 7.36 -26.40 -1.27
CA PRO A 132 8.02 -27.64 -1.72
C PRO A 132 8.13 -28.67 -0.61
N GLN A 133 7.89 -28.29 0.63
CA GLN A 133 7.95 -29.25 1.72
C GLN A 133 6.67 -30.08 1.78
N LYS A 134 6.82 -31.30 2.32
CA LYS A 134 5.90 -32.39 2.06
C LYS A 134 4.93 -32.63 3.20
N THR A 135 5.36 -32.36 4.43
CA THR A 135 4.55 -32.56 5.63
C THR A 135 4.66 -31.32 6.50
N LEU A 136 3.84 -31.27 7.54
CA LEU A 136 3.89 -30.15 8.47
C LEU A 136 5.23 -30.09 9.19
N GLU A 137 5.77 -31.24 9.60
CA GLU A 137 7.02 -31.22 10.36
C GLU A 137 8.18 -30.72 9.51
N GLU A 138 8.13 -30.92 8.20
CA GLU A 138 9.18 -30.44 7.31
C GLU A 138 8.94 -29.02 6.81
N PHE A 139 7.74 -28.49 6.99
CA PHE A 139 7.34 -27.21 6.40
C PHE A 139 8.28 -26.09 6.81
N GLN A 140 8.73 -25.30 5.81
CA GLN A 140 9.45 -24.07 6.12
C GLN A 140 9.00 -22.88 5.29
N ASP A 141 8.87 -23.03 3.97
CA ASP A 141 8.72 -21.89 3.09
C ASP A 141 7.39 -21.93 2.34
N VAL A 142 6.86 -20.74 2.07
CA VAL A 142 5.67 -20.53 1.27
C VAL A 142 6.07 -19.71 0.05
N TYR A 143 5.55 -20.10 -1.12
CA TYR A 143 5.79 -19.38 -2.36
C TYR A 143 4.47 -18.86 -2.89
N LEU A 144 4.42 -17.55 -3.16
CA LEU A 144 3.25 -16.89 -3.70
C LEU A 144 3.54 -16.45 -5.12
N VAL A 145 2.57 -16.64 -6.01
CA VAL A 145 2.73 -16.37 -7.44
C VAL A 145 1.62 -15.44 -7.90
N MET A 146 1.98 -14.36 -8.61
CA MET A 146 1.00 -13.52 -9.26
C MET A 146 1.50 -13.11 -10.64
N GLU A 147 0.61 -12.45 -11.38
CA GLU A 147 0.97 -11.79 -12.64
C GLU A 147 2.21 -10.93 -12.46
N LEU A 148 3.10 -10.99 -13.45
CA LEU A 148 4.27 -10.13 -13.47
C LEU A 148 3.89 -8.75 -13.99
N MET A 149 4.16 -7.72 -13.20
CA MET A 149 3.86 -6.35 -13.58
C MET A 149 5.10 -5.76 -14.25
N ASP A 150 5.14 -4.43 -14.41
CA ASP A 150 6.25 -3.78 -15.10
C ASP A 150 7.09 -2.88 -14.22
N ALA A 151 6.55 -2.34 -13.12
CA ALA A 151 7.29 -1.38 -12.33
C ALA A 151 6.60 -1.18 -10.98
N ASN A 152 7.40 -0.72 -10.02
CA ASN A 152 6.89 -0.27 -8.74
C ASN A 152 6.41 1.17 -8.84
N LEU A 153 5.43 1.53 -8.01
CA LEU A 153 4.89 2.89 -8.08
C LEU A 153 5.94 3.92 -7.67
N CYS A 154 6.92 3.54 -6.85
CA CYS A 154 8.02 4.44 -6.56
C CYS A 154 8.73 4.87 -7.84
N GLN A 155 8.87 3.93 -8.78
CA GLN A 155 9.51 4.25 -10.06
C GLN A 155 8.67 5.24 -10.84
N VAL A 156 7.36 5.04 -10.88
CA VAL A 156 6.47 5.93 -11.63
C VAL A 156 6.49 7.32 -11.03
N ILE A 157 6.56 7.40 -9.70
CA ILE A 157 6.54 8.69 -9.00
C ILE A 157 7.69 9.58 -9.45
N GLN A 158 8.83 8.98 -9.80
CA GLN A 158 10.00 9.75 -10.17
C GLN A 158 9.92 10.30 -11.60
N MET A 159 8.88 9.93 -12.34
CA MET A 159 8.71 10.38 -13.72
C MET A 159 7.83 11.63 -13.78
N GLU A 160 7.93 12.33 -14.90
CA GLU A 160 6.96 13.36 -15.25
C GLU A 160 5.75 12.69 -15.90
N LEU A 161 4.59 12.79 -15.25
CA LEU A 161 3.37 12.18 -15.75
C LEU A 161 2.38 13.28 -16.13
N ASP A 162 1.79 13.16 -17.31
CA ASP A 162 0.69 14.02 -17.68
C ASP A 162 -0.49 13.80 -16.72
N HIS A 163 -1.50 14.67 -16.86
CA HIS A 163 -2.66 14.59 -15.98
C HIS A 163 -3.48 13.32 -16.24
N GLU A 164 -3.49 12.84 -17.48
CA GLU A 164 -4.31 11.67 -17.78
C GLU A 164 -3.78 10.44 -17.05
N ARG A 165 -2.47 10.28 -16.99
CA ARG A 165 -1.91 9.12 -16.28
C ARG A 165 -2.00 9.29 -14.77
N MET A 166 -1.67 10.48 -14.26
N MET A 166 -1.68 10.48 -14.26
CA MET A 166 -1.78 10.70 -12.82
CA MET A 166 -1.78 10.72 -12.82
C MET A 166 -3.21 10.43 -12.34
C MET A 166 -3.19 10.46 -12.32
N SER A 167 -4.20 11.06 -12.99
CA SER A 167 -5.58 10.89 -12.56
C SER A 167 -6.04 9.45 -12.70
N TYR A 168 -5.53 8.72 -13.69
CA TYR A 168 -5.93 7.32 -13.84
C TYR A 168 -5.31 6.45 -12.74
N LEU A 169 -4.04 6.71 -12.40
CA LEU A 169 -3.42 5.97 -11.30
C LEU A 169 -4.15 6.24 -10.00
N LEU A 170 -4.50 7.50 -9.74
CA LEU A 170 -5.21 7.84 -8.51
C LEU A 170 -6.62 7.26 -8.50
N TYR A 171 -7.29 7.28 -9.65
CA TYR A 171 -8.61 6.67 -9.73
C TYR A 171 -8.54 5.20 -9.37
N GLN A 172 -7.53 4.49 -9.87
CA GLN A 172 -7.42 3.06 -9.59
C GLN A 172 -7.09 2.81 -8.13
N MET A 173 -6.22 3.64 -7.56
CA MET A 173 -5.93 3.53 -6.13
C MET A 173 -7.19 3.66 -5.31
N LEU A 174 -8.05 4.64 -5.65
CA LEU A 174 -9.29 4.84 -4.91
C LEU A 174 -10.26 3.68 -5.11
N CYS A 175 -10.34 3.15 -6.34
CA CYS A 175 -11.19 1.98 -6.57
C CYS A 175 -10.76 0.81 -5.69
N GLY A 176 -9.46 0.50 -5.67
CA GLY A 176 -8.99 -0.59 -4.84
C GLY A 176 -9.28 -0.37 -3.37
N ILE A 177 -8.96 0.83 -2.87
CA ILE A 177 -9.24 1.15 -1.47
C ILE A 177 -10.72 1.01 -1.18
N LYS A 178 -11.58 1.45 -2.10
CA LYS A 178 -13.02 1.31 -1.90
C LYS A 178 -13.42 -0.16 -1.84
N HIS A 179 -12.83 -1.00 -2.69
CA HIS A 179 -13.13 -2.43 -2.63
C HIS A 179 -12.70 -3.01 -1.29
N LEU A 180 -11.50 -2.65 -0.83
CA LEU A 180 -11.05 -3.12 0.48
C LEU A 180 -12.03 -2.71 1.58
N HIS A 181 -12.44 -1.43 1.58
CA HIS A 181 -13.35 -0.96 2.61
C HIS A 181 -14.68 -1.71 2.57
N SER A 182 -15.19 -1.96 1.36
CA SER A 182 -16.46 -2.68 1.24
C SER A 182 -16.37 -4.09 1.83
N ALA A 183 -15.17 -4.69 1.80
CA ALA A 183 -14.95 -5.98 2.40
C ALA A 183 -14.58 -5.89 3.87
N GLY A 184 -14.71 -4.71 4.48
CA GLY A 184 -14.38 -4.54 5.88
C GLY A 184 -12.90 -4.38 6.16
N ILE A 185 -12.10 -4.04 5.17
CA ILE A 185 -10.65 -3.95 5.31
C ILE A 185 -10.27 -2.48 5.19
N ILE A 186 -9.79 -1.91 6.29
CA ILE A 186 -9.20 -0.58 6.28
C ILE A 186 -7.69 -0.75 6.37
N HIS A 187 -6.98 -0.21 5.37
CA HIS A 187 -5.58 -0.53 5.15
C HIS A 187 -4.68 0.08 6.21
N ARG A 188 -4.63 1.41 6.26
CA ARG A 188 -3.90 2.24 7.23
C ARG A 188 -2.40 2.33 6.95
N ASP A 189 -1.85 1.56 6.00
CA ASP A 189 -0.43 1.64 5.71
C ASP A 189 -0.19 1.56 4.20
N LEU A 190 -1.00 2.25 3.43
CA LEU A 190 -0.82 2.29 1.99
C LEU A 190 0.43 3.09 1.65
N LYS A 191 1.28 2.54 0.79
CA LYS A 191 2.52 3.21 0.42
C LYS A 191 2.93 2.75 -0.98
N PRO A 192 3.72 3.56 -1.69
CA PRO A 192 4.01 3.24 -3.10
C PRO A 192 4.80 1.95 -3.29
N SER A 193 5.67 1.59 -2.35
CA SER A 193 6.50 0.40 -2.53
C SER A 193 5.67 -0.88 -2.62
N ASN A 194 4.43 -0.86 -2.15
CA ASN A 194 3.54 -2.01 -2.22
C ASN A 194 2.47 -1.84 -3.30
N ILE A 195 2.72 -0.99 -4.29
CA ILE A 195 1.83 -0.77 -5.41
C ILE A 195 2.65 -0.99 -6.68
N VAL A 196 2.10 -1.75 -7.63
CA VAL A 196 2.81 -2.08 -8.86
C VAL A 196 1.94 -1.69 -10.04
N VAL A 197 2.61 -1.46 -11.18
CA VAL A 197 1.99 -0.86 -12.35
C VAL A 197 2.48 -1.58 -13.61
N LYS A 198 1.62 -1.65 -14.62
CA LYS A 198 1.98 -2.14 -15.93
C LYS A 198 2.14 -0.96 -16.90
N SER A 199 2.79 -1.25 -18.04
CA SER A 199 3.06 -0.21 -19.02
C SER A 199 1.79 0.47 -19.50
N ASP A 200 0.66 -0.23 -19.46
CA ASP A 200 -0.61 0.34 -19.89
C ASP A 200 -1.32 1.17 -18.81
N CYS A 201 -0.65 1.59 -17.75
CA CYS A 201 -1.23 2.40 -16.66
C CYS A 201 -2.12 1.63 -15.70
N THR A 202 -2.20 0.30 -15.77
CA THR A 202 -3.02 -0.43 -14.84
C THR A 202 -2.22 -0.68 -13.56
N LEU A 203 -2.93 -0.78 -12.45
CA LEU A 203 -2.32 -0.67 -11.13
C LEU A 203 -2.90 -1.71 -10.20
N LYS A 204 -2.07 -2.20 -9.27
CA LYS A 204 -2.51 -3.17 -8.27
C LYS A 204 -1.88 -2.85 -6.93
N ILE A 205 -2.70 -2.90 -5.88
CA ILE A 205 -2.23 -2.82 -4.50
C ILE A 205 -1.92 -4.23 -4.02
N LEU A 206 -0.74 -4.42 -3.41
CA LEU A 206 -0.24 -5.76 -3.13
C LEU A 206 -0.38 -6.21 -1.67
N ASP A 207 -0.76 -5.33 -0.75
CA ASP A 207 -0.83 -5.73 0.66
C ASP A 207 -2.11 -5.21 1.28
N PHE A 208 -2.37 -5.64 2.52
CA PHE A 208 -3.64 -5.37 3.19
C PHE A 208 -3.50 -4.55 4.47
N GLY A 209 -2.31 -4.02 4.76
CA GLY A 209 -2.19 -2.98 5.77
C GLY A 209 -1.87 -3.51 7.16
N LEU A 210 -2.24 -2.69 8.14
CA LEU A 210 -1.83 -2.93 9.51
C LEU A 210 -2.73 -3.95 10.20
N ALA A 211 -2.22 -4.53 11.27
CA ALA A 211 -3.05 -5.28 12.20
C ALA A 211 -3.70 -4.30 13.17
N SER A 217 4.65 -4.66 17.78
CA SER A 217 5.53 -5.40 16.89
C SER A 217 6.93 -5.53 17.46
N PHE A 218 7.86 -5.99 16.62
CA PHE A 218 9.28 -5.95 16.89
C PHE A 218 10.02 -6.82 15.87
N MET A 219 10.95 -6.22 15.12
CA MET A 219 11.75 -6.93 14.15
C MET A 219 13.22 -6.86 14.57
N MET A 220 13.86 -8.02 14.58
CA MET A 220 15.25 -8.24 15.00
C MET A 220 16.15 -8.35 13.78
N THR A 221 15.95 -7.46 12.81
CA THR A 221 16.49 -7.65 11.47
C THR A 221 17.04 -6.33 10.93
N PRO A 222 17.68 -6.32 9.75
CA PRO A 222 18.04 -5.03 9.13
C PRO A 222 16.84 -4.24 8.66
N TYR A 223 15.64 -4.80 8.77
CA TYR A 223 14.46 -4.21 8.17
C TYR A 223 14.04 -2.93 8.90
N VAL A 224 13.47 -2.00 8.15
CA VAL A 224 12.88 -0.79 8.72
C VAL A 224 11.59 -0.49 7.97
N VAL A 225 10.58 -0.02 8.70
CA VAL A 225 9.25 0.22 8.15
C VAL A 225 9.17 1.64 7.63
N THR A 226 8.54 1.80 6.46
CA THR A 226 8.29 3.11 5.89
C THR A 226 6.98 3.65 6.46
N ARG A 227 7.05 4.81 7.11
CA ARG A 227 5.92 5.37 7.84
C ARG A 227 5.41 6.68 7.27
N TYR A 228 6.03 7.19 6.21
CA TYR A 228 5.77 8.56 5.77
C TYR A 228 4.36 8.77 5.22
N TYR A 229 3.65 7.70 4.87
CA TYR A 229 2.34 7.82 4.24
C TYR A 229 1.19 7.52 5.21
N ARG A 230 1.49 7.38 6.50
CA ARG A 230 0.46 7.06 7.48
C ARG A 230 -0.23 8.32 7.96
N ALA A 231 -1.54 8.19 8.22
CA ALA A 231 -2.36 9.33 8.57
C ALA A 231 -2.06 9.82 9.99
N PRO A 232 -2.44 11.06 10.30
CA PRO A 232 -2.31 11.53 11.69
C PRO A 232 -2.98 10.60 12.69
N GLU A 233 -4.12 9.99 12.32
CA GLU A 233 -4.75 9.02 13.21
C GLU A 233 -3.77 7.93 13.62
N VAL A 234 -2.94 7.49 12.68
CA VAL A 234 -1.99 6.42 12.97
C VAL A 234 -0.77 6.96 13.70
N ILE A 235 -0.27 8.11 13.26
CA ILE A 235 0.88 8.72 13.93
C ILE A 235 0.56 8.95 15.40
N LEU A 236 -0.65 9.41 15.71
CA LEU A 236 -1.01 9.87 17.04
C LEU A 236 -1.81 8.85 17.85
N GLY A 237 -2.16 7.71 17.25
CA GLY A 237 -2.86 6.66 17.99
C GLY A 237 -4.29 7.03 18.33
N MET A 238 -5.04 7.48 17.33
CA MET A 238 -6.33 8.11 17.55
C MET A 238 -7.54 7.21 17.37
N GLY A 239 -7.40 6.12 16.62
CA GLY A 239 -8.56 5.50 16.04
C GLY A 239 -9.01 6.23 14.80
N TYR A 240 -9.80 5.55 13.98
CA TYR A 240 -9.86 5.90 12.58
C TYR A 240 -11.16 5.42 11.96
N LYS A 241 -11.40 5.85 10.73
CA LYS A 241 -12.46 5.33 9.88
C LYS A 241 -11.89 5.18 8.48
N GLU A 242 -12.76 4.93 7.50
CA GLU A 242 -12.30 4.55 6.18
C GLU A 242 -11.38 5.61 5.57
N ASN A 243 -11.69 6.89 5.78
CA ASN A 243 -10.89 7.93 5.12
C ASN A 243 -9.49 8.09 5.71
N VAL A 244 -9.04 7.22 6.63
CA VAL A 244 -7.63 7.22 7.01
C VAL A 244 -6.76 6.94 5.80
N ASP A 245 -7.25 6.13 4.87
CA ASP A 245 -6.47 5.79 3.68
C ASP A 245 -6.43 6.92 2.66
N ILE A 246 -7.36 7.88 2.74
CA ILE A 246 -7.32 9.02 1.83
C ILE A 246 -6.07 9.85 2.06
N TRP A 247 -5.65 9.99 3.32
CA TRP A 247 -4.42 10.71 3.63
C TRP A 247 -3.25 10.12 2.84
N SER A 248 -3.10 8.79 2.86
CA SER A 248 -1.98 8.16 2.19
C SER A 248 -2.02 8.42 0.68
N VAL A 249 -3.22 8.40 0.10
CA VAL A 249 -3.35 8.72 -1.32
C VAL A 249 -2.91 10.16 -1.57
N GLY A 250 -3.29 11.07 -0.68
CA GLY A 250 -2.83 12.45 -0.82
C GLY A 250 -1.32 12.56 -0.71
N CYS A 251 -0.71 11.76 0.16
CA CYS A 251 0.74 11.76 0.27
C CYS A 251 1.39 11.25 -1.01
N ILE A 252 0.81 10.20 -1.60
CA ILE A 252 1.29 9.71 -2.89
C ILE A 252 1.08 10.76 -3.97
N MET A 253 -0.15 11.28 -4.07
CA MET A 253 -0.44 12.36 -5.01
C MET A 253 0.60 13.47 -4.92
N GLY A 254 0.77 14.03 -3.73
CA GLY A 254 1.67 15.17 -3.57
C GLY A 254 3.10 14.84 -3.94
N GLU A 255 3.53 13.60 -3.68
CA GLU A 255 4.88 13.20 -4.04
C GLU A 255 5.05 13.07 -5.56
N MET A 256 3.97 12.70 -6.26
CA MET A 256 4.03 12.69 -7.73
C MET A 256 4.28 14.10 -8.26
N VAL A 257 3.72 15.10 -7.60
CA VAL A 257 3.86 16.49 -8.05
C VAL A 257 5.20 17.05 -7.63
N ARG A 258 5.56 16.86 -6.36
CA ARG A 258 6.74 17.47 -5.78
C ARG A 258 8.01 16.66 -6.02
N HIS A 259 7.89 15.36 -6.29
CA HIS A 259 9.02 14.45 -6.43
C HIS A 259 9.90 14.47 -5.17
N LYS A 260 9.26 14.67 -4.03
CA LYS A 260 9.91 14.55 -2.72
C LYS A 260 8.87 14.02 -1.75
N ILE A 261 9.31 13.20 -0.81
CA ILE A 261 8.43 12.74 0.26
C ILE A 261 7.92 13.97 1.01
N LEU A 262 6.59 14.02 1.21
CA LEU A 262 6.00 15.20 1.82
C LEU A 262 6.36 15.32 3.30
N PHE A 263 6.32 14.21 4.03
CA PHE A 263 6.46 14.21 5.48
C PHE A 263 7.50 13.20 5.90
N PRO A 264 8.77 13.48 5.60
CA PRO A 264 9.85 12.57 6.03
C PRO A 264 10.13 12.67 7.52
N GLY A 265 11.03 11.82 8.02
CA GLY A 265 11.45 11.92 9.40
C GLY A 265 12.02 10.63 9.96
N ARG A 266 12.94 10.77 10.93
CA ARG A 266 13.49 9.59 11.59
C ARG A 266 12.39 8.78 12.25
N ASP A 267 11.46 9.46 12.92
CA ASP A 267 10.41 8.82 13.69
C ASP A 267 9.14 9.66 13.56
N TYR A 268 8.09 9.23 14.25
CA TYR A 268 6.85 10.01 14.25
C TYR A 268 7.09 11.43 14.75
N ILE A 269 8.06 11.63 15.64
CA ILE A 269 8.36 12.96 16.14
C ILE A 269 8.72 13.89 14.99
N ASP A 270 9.76 13.53 14.23
CA ASP A 270 10.12 14.30 13.04
C ASP A 270 8.94 14.41 12.09
N GLN A 271 8.28 13.29 11.81
CA GLN A 271 7.18 13.28 10.84
C GLN A 271 6.12 14.31 11.20
N TRP A 272 5.64 14.27 12.46
CA TRP A 272 4.60 15.22 12.87
C TRP A 272 5.05 16.65 12.64
N ASN A 273 6.33 16.94 12.90
CA ASN A 273 6.85 18.29 12.67
C ASN A 273 6.67 18.71 11.22
N LYS A 274 6.97 17.83 10.26
CA LYS A 274 6.78 18.16 8.85
C LYS A 274 5.30 18.39 8.55
N VAL A 275 4.42 17.63 9.18
CA VAL A 275 2.98 17.78 8.95
C VAL A 275 2.53 19.17 9.34
N ILE A 276 2.79 19.58 10.58
CA ILE A 276 2.28 20.86 11.05
C ILE A 276 3.02 22.03 10.41
N GLU A 277 4.31 21.88 10.13
CA GLU A 277 5.05 22.96 9.47
C GLU A 277 4.40 23.36 8.15
N GLN A 278 3.78 22.41 7.46
CA GLN A 278 3.27 22.63 6.11
C GLN A 278 1.76 22.87 6.08
N LEU A 279 1.00 22.06 6.82
CA LEU A 279 -0.45 22.20 6.85
C LEU A 279 -0.95 23.07 8.00
N GLY A 280 -0.10 23.38 8.97
CA GLY A 280 -0.49 24.21 10.10
C GLY A 280 -1.02 23.39 11.26
N THR A 281 -0.98 24.00 12.44
CA THR A 281 -1.48 23.33 13.63
C THR A 281 -2.99 23.07 13.48
N PRO A 282 -3.47 21.88 13.82
CA PRO A 282 -4.89 21.59 13.66
C PRO A 282 -5.75 22.38 14.64
N CYS A 283 -7.06 22.39 14.36
CA CYS A 283 -7.98 23.21 15.15
C CYS A 283 -8.30 22.53 16.48
N PRO A 284 -8.63 23.31 17.52
CA PRO A 284 -9.06 22.71 18.78
C PRO A 284 -10.01 21.54 18.63
N GLU A 285 -10.99 21.63 17.72
CA GLU A 285 -11.91 20.52 17.50
C GLU A 285 -11.17 19.20 17.29
N PHE A 286 -10.00 19.26 16.64
CA PHE A 286 -9.19 18.07 16.45
C PHE A 286 -8.48 17.66 17.74
N MET A 287 -7.98 18.64 18.50
CA MET A 287 -7.28 18.33 19.74
C MET A 287 -8.14 17.48 20.66
N LYS A 288 -9.45 17.79 20.72
CA LYS A 288 -10.33 17.13 21.68
C LYS A 288 -10.51 15.66 21.38
N LYS A 289 -10.25 15.22 20.15
CA LYS A 289 -10.25 13.81 19.80
C LYS A 289 -9.07 13.06 20.40
N LEU A 290 -8.06 13.78 20.87
CA LEU A 290 -6.79 13.18 21.23
C LEU A 290 -6.82 12.63 22.64
N GLN A 291 -6.19 11.47 22.84
CA GLN A 291 -6.01 10.92 24.18
C GLN A 291 -5.36 12.01 25.03
N PRO A 292 -5.49 11.98 26.37
CA PRO A 292 -5.09 13.17 27.11
C PRO A 292 -3.57 13.39 27.13
N THR A 293 -2.76 12.33 27.09
CA THR A 293 -1.32 12.50 27.07
C THR A 293 -0.84 12.99 25.70
N VAL A 294 -1.28 12.33 24.63
CA VAL A 294 -0.86 12.75 23.29
C VAL A 294 -1.34 14.17 23.02
N ARG A 295 -2.51 14.54 23.53
CA ARG A 295 -3.01 15.90 23.39
C ARG A 295 -1.99 16.90 23.95
N ASN A 296 -1.46 16.62 25.14
CA ASN A 296 -0.51 17.54 25.76
C ASN A 296 0.71 17.75 24.87
N TYR A 297 1.29 16.67 24.36
CA TYR A 297 2.43 16.78 23.47
C TYR A 297 2.11 17.60 22.23
N VAL A 298 0.94 17.34 21.62
CA VAL A 298 0.61 18.00 20.36
C VAL A 298 0.30 19.47 20.59
N GLU A 299 -0.39 19.80 21.69
CA GLU A 299 -0.73 21.19 21.96
C GLU A 299 0.49 22.00 22.36
N ASN A 300 1.52 21.36 22.92
CA ASN A 300 2.72 22.06 23.33
C ASN A 300 3.78 22.12 22.24
N ARG A 301 3.54 21.51 21.08
CA ARG A 301 4.41 21.71 19.95
C ARG A 301 4.37 23.18 19.51
N PRO A 302 5.45 23.69 18.92
CA PRO A 302 5.42 25.05 18.38
C PRO A 302 4.28 25.22 17.38
N LYS A 303 3.59 26.34 17.47
CA LYS A 303 2.42 26.60 16.63
C LYS A 303 2.85 27.24 15.32
N TYR A 304 2.45 26.64 14.20
CA TYR A 304 2.68 27.19 12.88
C TYR A 304 1.35 27.49 12.20
N ALA A 305 1.37 28.48 11.31
CA ALA A 305 0.16 28.89 10.61
C ALA A 305 -0.16 27.97 9.43
N GLY A 306 0.85 27.36 8.83
CA GLY A 306 0.62 26.47 7.71
C GLY A 306 0.56 27.20 6.39
N LEU A 307 1.13 26.58 5.35
CA LEU A 307 1.18 27.18 4.03
C LEU A 307 -0.12 26.92 3.28
N THR A 308 -0.48 27.85 2.39
CA THR A 308 -1.57 27.59 1.47
C THR A 308 -1.12 26.56 0.43
N PHE A 309 -2.09 25.95 -0.24
CA PHE A 309 -1.76 24.87 -1.15
C PHE A 309 -1.19 25.38 -2.47
N PRO A 310 -1.54 26.59 -2.91
CA PRO A 310 -0.76 27.19 -4.01
C PRO A 310 0.73 27.28 -3.68
N LYS A 311 1.08 27.57 -2.43
CA LYS A 311 2.48 27.63 -2.05
C LYS A 311 3.07 26.25 -1.81
N LEU A 312 2.26 25.31 -1.29
CA LEU A 312 2.75 23.95 -1.12
C LEU A 312 2.96 23.25 -2.46
N PHE A 313 2.14 23.57 -3.46
CA PHE A 313 2.18 22.91 -4.77
C PHE A 313 2.06 23.97 -5.85
N PRO A 314 3.09 24.79 -6.03
CA PRO A 314 3.00 25.92 -6.96
C PRO A 314 2.72 25.51 -8.39
N ASP A 315 2.37 26.51 -9.20
CA ASP A 315 2.03 26.28 -10.59
C ASP A 315 3.16 25.59 -11.34
N SER A 316 4.41 25.87 -10.94
CA SER A 316 5.56 25.33 -11.65
C SER A 316 5.51 23.80 -11.75
N LEU A 317 5.02 23.15 -10.70
CA LEU A 317 5.06 21.68 -10.65
C LEU A 317 4.06 21.01 -11.58
N PHE A 318 3.18 21.77 -12.23
CA PHE A 318 2.10 21.15 -12.98
C PHE A 318 2.23 21.41 -14.47
N PRO A 319 1.84 20.45 -15.30
CA PRO A 319 1.56 20.78 -16.71
C PRO A 319 0.49 21.86 -16.77
N ALA A 320 0.84 23.00 -17.35
CA ALA A 320 -0.09 24.12 -17.43
C ALA A 320 0.27 25.05 -18.58
N ASP A 321 0.42 24.48 -19.79
CA ASP A 321 0.63 25.26 -21.00
C ASP A 321 -0.67 25.50 -21.76
N SER A 322 -1.46 24.44 -21.96
CA SER A 322 -2.75 24.55 -22.60
C SER A 322 -3.84 24.86 -21.58
N GLU A 323 -4.97 25.38 -22.06
CA GLU A 323 -6.09 25.65 -21.16
C GLU A 323 -6.56 24.37 -20.49
N HIS A 324 -6.52 23.24 -21.21
CA HIS A 324 -6.91 21.97 -20.60
C HIS A 324 -5.99 21.64 -19.43
N ASN A 325 -4.69 21.87 -19.58
CA ASN A 325 -3.75 21.58 -18.50
C ASN A 325 -3.80 22.63 -17.40
N LYS A 326 -4.09 23.89 -17.72
CA LYS A 326 -4.30 24.88 -16.65
C LYS A 326 -5.45 24.45 -15.75
N LEU A 327 -6.55 24.01 -16.36
CA LEU A 327 -7.72 23.61 -15.58
C LEU A 327 -7.44 22.38 -14.74
N LYS A 328 -6.73 21.41 -15.31
CA LYS A 328 -6.44 20.18 -14.57
C LYS A 328 -5.49 20.43 -13.41
N ALA A 329 -4.56 21.38 -13.55
CA ALA A 329 -3.68 21.73 -12.44
C ALA A 329 -4.48 22.29 -11.27
N SER A 330 -5.48 23.12 -11.55
CA SER A 330 -6.29 23.67 -10.47
C SER A 330 -7.19 22.60 -9.84
N GLN A 331 -7.64 21.64 -10.65
CA GLN A 331 -8.42 20.54 -10.10
C GLN A 331 -7.55 19.60 -9.27
N ALA A 332 -6.30 19.40 -9.70
CA ALA A 332 -5.39 18.56 -8.94
C ALA A 332 -5.08 19.18 -7.58
N ARG A 333 -4.75 20.47 -7.56
CA ARG A 333 -4.46 21.12 -6.29
C ARG A 333 -5.69 21.16 -5.40
N ASP A 334 -6.88 21.28 -5.99
CA ASP A 334 -8.10 21.25 -5.18
C ASP A 334 -8.26 19.91 -4.48
N LEU A 335 -8.12 18.81 -5.23
CA LEU A 335 -8.22 17.48 -4.62
C LEU A 335 -7.17 17.31 -3.53
N LEU A 336 -5.92 17.66 -3.83
CA LEU A 336 -4.86 17.61 -2.82
C LEU A 336 -5.29 18.31 -1.55
N SER A 337 -5.82 19.53 -1.67
CA SER A 337 -6.19 20.30 -0.49
C SER A 337 -7.33 19.65 0.28
N LYS A 338 -8.06 18.71 -0.33
CA LYS A 338 -9.14 18.03 0.38
C LYS A 338 -8.74 16.68 0.97
N MET A 339 -7.65 16.06 0.52
CA MET A 339 -7.20 14.83 1.15
C MET A 339 -5.98 15.00 2.04
N LEU A 340 -5.20 16.05 1.88
CA LEU A 340 -4.14 16.36 2.85
C LEU A 340 -4.71 17.30 3.92
N VAL A 341 -5.61 16.73 4.72
CA VAL A 341 -6.33 17.44 5.76
C VAL A 341 -6.11 16.67 7.06
N ILE A 342 -5.57 17.34 8.07
CA ILE A 342 -5.16 16.64 9.29
C ILE A 342 -6.38 16.01 9.97
N ASP A 343 -7.43 16.79 10.15
CA ASP A 343 -8.60 16.33 10.89
C ASP A 343 -9.44 15.42 10.00
N PRO A 344 -9.63 14.14 10.35
CA PRO A 344 -10.41 13.25 9.49
C PRO A 344 -11.87 13.66 9.36
N ALA A 345 -12.41 14.42 10.31
CA ALA A 345 -13.77 14.91 10.17
C ALA A 345 -13.90 15.88 9.01
N LYS A 346 -12.80 16.56 8.64
CA LYS A 346 -12.78 17.53 7.56
C LYS A 346 -12.19 16.97 6.27
N ARG A 347 -11.63 15.76 6.31
CA ARG A 347 -10.96 15.18 5.15
C ARG A 347 -11.98 14.50 4.25
N ILE A 348 -11.71 14.56 2.94
CA ILE A 348 -12.68 14.06 1.97
C ILE A 348 -12.76 12.53 2.05
N SER A 349 -13.94 12.00 1.74
CA SER A 349 -14.15 10.56 1.77
C SER A 349 -13.70 9.92 0.47
N VAL A 350 -13.64 8.58 0.48
CA VAL A 350 -13.31 7.85 -0.74
C VAL A 350 -14.36 8.10 -1.81
N ASP A 351 -15.64 8.00 -1.44
CA ASP A 351 -16.70 8.16 -2.41
C ASP A 351 -16.70 9.56 -3.01
N ASP A 352 -16.48 10.59 -2.18
CA ASP A 352 -16.46 11.95 -2.71
C ASP A 352 -15.23 12.19 -3.55
N ALA A 353 -14.09 11.61 -3.17
CA ALA A 353 -12.89 11.73 -3.99
C ALA A 353 -13.11 11.11 -5.37
N LEU A 354 -13.88 10.02 -5.44
CA LEU A 354 -14.16 9.39 -6.71
C LEU A 354 -15.09 10.22 -7.57
N GLN A 355 -15.82 11.16 -6.98
CA GLN A 355 -16.67 12.10 -7.72
C GLN A 355 -15.94 13.39 -8.08
N HIS A 356 -14.73 13.60 -7.59
CA HIS A 356 -14.02 14.84 -7.83
C HIS A 356 -13.76 15.00 -9.33
N PRO A 357 -13.82 16.23 -9.86
CA PRO A 357 -13.60 16.40 -11.31
C PRO A 357 -12.25 15.90 -11.80
N TYR A 358 -11.20 15.93 -10.98
CA TYR A 358 -9.92 15.40 -11.41
C TYR A 358 -10.00 13.90 -11.64
N ILE A 359 -10.90 13.22 -10.93
CA ILE A 359 -10.90 11.76 -10.87
C ILE A 359 -12.02 11.16 -11.72
N ASN A 360 -13.20 11.78 -11.73
CA ASN A 360 -14.38 11.07 -12.25
C ASN A 360 -14.40 10.94 -13.76
N VAL A 361 -13.45 11.52 -14.49
CA VAL A 361 -13.40 11.31 -15.93
C VAL A 361 -13.15 9.86 -16.29
N TRP A 362 -12.75 9.02 -15.32
CA TRP A 362 -12.53 7.61 -15.54
C TRP A 362 -13.65 6.74 -14.98
N TYR A 363 -14.66 7.35 -14.36
CA TYR A 363 -15.70 6.61 -13.62
C TYR A 363 -16.39 5.55 -14.48
N ASP A 364 -16.92 4.53 -13.80
CA ASP A 364 -17.73 3.48 -14.40
C ASP A 364 -18.25 2.58 -13.28
N PRO A 365 -19.56 2.30 -13.22
CA PRO A 365 -20.09 1.54 -12.07
C PRO A 365 -19.39 0.21 -11.82
N ALA A 366 -19.03 -0.52 -12.87
CA ALA A 366 -18.46 -1.85 -12.70
C ALA A 366 -17.15 -1.82 -11.93
N GLU A 367 -16.42 -0.70 -11.96
CA GLU A 367 -15.11 -0.63 -11.33
C GLU A 367 -15.19 -0.26 -9.86
N VAL A 368 -15.97 0.76 -9.52
CA VAL A 368 -15.96 1.25 -8.15
C VAL A 368 -16.76 0.34 -7.22
N GLU A 369 -17.90 -0.18 -7.67
CA GLU A 369 -18.74 -1.05 -6.84
C GLU A 369 -18.83 -2.42 -7.48
N ALA A 370 -17.88 -3.31 -7.11
CA ALA A 370 -17.94 -4.73 -7.39
C ALA A 370 -18.40 -5.48 -6.14
N PRO A 371 -19.14 -6.57 -6.30
CA PRO A 371 -19.71 -7.26 -5.14
C PRO A 371 -18.63 -7.69 -4.17
N PRO A 372 -18.78 -7.38 -2.88
CA PRO A 372 -17.80 -7.85 -1.89
C PRO A 372 -18.06 -9.30 -1.51
N PRO A 373 -17.19 -9.92 -0.70
CA PRO A 373 -17.38 -11.32 -0.31
C PRO A 373 -18.71 -11.57 0.40
N GLN A 379 -10.35 -18.33 8.15
CA GLN A 379 -11.24 -17.18 8.23
C GLN A 379 -10.94 -16.35 9.47
N LEU A 380 -11.60 -15.20 9.58
CA LEU A 380 -11.48 -14.32 10.74
C LEU A 380 -10.04 -13.87 10.95
N ASP A 381 -9.84 -12.87 11.80
CA ASP A 381 -8.53 -12.40 12.19
C ASP A 381 -8.22 -12.94 13.59
N GLU A 382 -7.10 -13.62 13.74
CA GLU A 382 -6.82 -14.37 14.94
C GLU A 382 -5.87 -13.62 15.87
N ARG A 383 -5.61 -14.23 17.02
CA ARG A 383 -5.01 -13.60 18.20
C ARG A 383 -3.54 -14.02 18.34
N GLU A 384 -3.06 -14.08 19.59
CA GLU A 384 -1.69 -14.49 19.84
C GLU A 384 -1.59 -16.01 19.88
N HIS A 385 -0.59 -16.54 19.18
CA HIS A 385 -0.34 -17.96 19.07
C HIS A 385 1.15 -18.21 19.19
N THR A 386 1.51 -19.45 19.46
CA THR A 386 2.91 -19.85 19.51
C THR A 386 3.47 -20.00 18.09
N ILE A 387 4.79 -20.18 18.01
CA ILE A 387 5.41 -20.55 16.73
C ILE A 387 4.76 -21.79 16.17
N GLU A 388 4.63 -22.83 17.01
CA GLU A 388 4.05 -24.10 16.57
C GLU A 388 2.64 -23.90 16.03
N GLU A 389 1.83 -23.10 16.72
CA GLU A 389 0.45 -22.91 16.30
C GLU A 389 0.37 -22.15 14.99
N TRP A 390 1.17 -21.09 14.84
CA TRP A 390 1.20 -20.33 13.59
C TRP A 390 1.61 -21.23 12.42
N LYS A 391 2.66 -22.04 12.63
CA LYS A 391 3.12 -22.94 11.58
C LYS A 391 1.97 -23.77 11.02
N GLU A 392 1.17 -24.37 11.92
CA GLU A 392 0.07 -25.22 11.47
C GLU A 392 -1.04 -24.40 10.81
N LEU A 393 -1.33 -23.22 11.35
CA LEU A 393 -2.35 -22.36 10.75
C LEU A 393 -1.96 -21.99 9.32
N ILE A 394 -0.71 -21.59 9.12
CA ILE A 394 -0.25 -21.20 7.79
C ILE A 394 -0.18 -22.40 6.87
N TYR A 395 0.42 -23.49 7.35
CA TYR A 395 0.50 -24.71 6.54
C TYR A 395 -0.88 -25.13 6.04
N LYS A 396 -1.88 -25.09 6.93
CA LYS A 396 -3.21 -25.54 6.55
C LYS A 396 -3.85 -24.60 5.54
N GLU A 397 -3.60 -23.31 5.66
CA GLU A 397 -4.11 -22.38 4.65
C GLU A 397 -3.37 -22.55 3.33
N VAL A 398 -2.08 -22.89 3.38
CA VAL A 398 -1.31 -23.06 2.15
C VAL A 398 -1.93 -24.14 1.28
N MET A 399 -2.21 -25.31 1.87
CA MET A 399 -2.86 -26.40 1.15
C MET A 399 -4.27 -26.55 1.73
N ASN A 400 -5.18 -25.73 1.22
CA ASN A 400 -6.57 -25.67 1.66
C ASN A 400 -7.16 -27.06 1.92
#